data_9M1V
#
_entry.id   9M1V
#
_cell.length_a   50.305
_cell.length_b   116.944
_cell.length_c   61.646
_cell.angle_alpha   90.000
_cell.angle_beta   93.076
_cell.angle_gamma   90.000
#
_symmetry.space_group_name_H-M   'P 1 21 1'
#
loop_
_entity.id
_entity.type
_entity.pdbx_description
1 polymer 'Nucleotide-binding protein Rv1421'
2 non-polymer URIDINE-DIPHOSPHATE-N-ACETYLGLUCOSAMINE
3 non-polymer 'HEXAETHYLENE GLYCOL'
4 water water
#
_entity_poly.entity_id   1
_entity_poly.type   'polypeptide(L)'
_entity_poly.pdbx_seq_one_letter_code
;MMNHARGVENRSEGGGIDVVLVTGLSGAGRGTAAKVLEDLGWYVADNLPPQLITRMVDFGLAAGSRITQLAVVMDVRSRG
FTGDLDSVRNELATRAITPRVVFMEASDDTLVRRYEQNRRSHPLQGEQTLAEGIAAERRMLAPVRATADLIIDTSTLSVG
GLRDSIERAFGGDG
;
_entity_poly.pdbx_strand_id   A,B,C,D
#
# COMPACT_ATOMS: atom_id res chain seq x y z
N GLY A 15 -19.75 20.68 8.19
CA GLY A 15 -18.47 20.64 8.88
C GLY A 15 -17.83 22.00 9.10
N GLY A 16 -17.62 22.75 8.02
CA GLY A 16 -16.96 24.04 8.08
C GLY A 16 -15.45 23.98 8.04
N ILE A 17 -14.86 22.79 8.00
CA ILE A 17 -13.41 22.64 7.90
C ILE A 17 -13.15 21.30 7.24
N ASP A 18 -12.28 21.29 6.24
CA ASP A 18 -11.81 20.04 5.63
C ASP A 18 -10.62 19.53 6.44
N VAL A 19 -10.67 18.26 6.84
CA VAL A 19 -9.67 17.69 7.71
C VAL A 19 -9.00 16.52 7.00
N VAL A 20 -7.67 16.54 6.97
CA VAL A 20 -6.86 15.45 6.43
C VAL A 20 -5.99 14.93 7.56
N LEU A 21 -5.99 13.62 7.75
CA LEU A 21 -5.12 12.94 8.71
C LEU A 21 -4.01 12.24 7.91
N VAL A 22 -2.76 12.61 8.19
CA VAL A 22 -1.61 12.02 7.51
C VAL A 22 -1.00 11.00 8.47
N THR A 23 -0.91 9.74 8.06
CA THR A 23 -0.33 8.72 8.92
C THR A 23 0.52 7.79 8.06
N GLY A 24 0.98 6.68 8.61
CA GLY A 24 1.72 5.74 7.80
C GLY A 24 3.01 5.30 8.48
N LEU A 25 3.85 4.64 7.68
CA LEU A 25 5.08 4.05 8.21
C LEU A 25 6.10 5.15 8.47
N SER A 26 6.83 5.00 9.56
CA SER A 26 7.86 5.98 9.87
C SER A 26 8.99 5.87 8.83
N GLY A 27 9.38 7.00 8.27
CA GLY A 27 10.38 7.00 7.22
C GLY A 27 9.82 6.97 5.81
N ALA A 28 8.50 6.75 5.68
CA ALA A 28 7.88 6.74 4.37
C ALA A 28 7.56 8.13 3.85
N GLY A 29 7.73 9.17 4.66
CA GLY A 29 7.49 10.51 4.16
C GLY A 29 6.30 11.24 4.77
N ARG A 30 5.89 10.89 6.00
CA ARG A 30 4.76 11.61 6.60
C ARG A 30 5.04 13.09 6.70
N GLY A 31 6.21 13.46 7.25
CA GLY A 31 6.52 14.87 7.41
C GLY A 31 6.68 15.59 6.08
N THR A 32 7.30 14.92 5.11
CA THR A 32 7.45 15.53 3.79
C THR A 32 6.10 15.75 3.14
N ALA A 33 5.20 14.76 3.24
CA ALA A 33 3.85 14.93 2.71
C ALA A 33 3.13 16.09 3.39
N ALA A 34 3.29 16.22 4.72
CA ALA A 34 2.68 17.32 5.45
C ALA A 34 3.19 18.67 4.94
N LYS A 35 4.50 18.76 4.66
CA LYS A 35 5.08 19.99 4.12
C LYS A 35 4.52 20.32 2.74
N VAL A 36 4.20 19.30 1.91
CA VAL A 36 3.60 19.62 0.62
C VAL A 36 2.22 20.24 0.83
N LEU A 37 1.43 19.66 1.74
CA LEU A 37 0.11 20.23 2.03
C LEU A 37 0.25 21.65 2.56
N GLU A 38 1.23 21.88 3.43
CA GLU A 38 1.49 23.24 3.89
C GLU A 38 1.79 24.16 2.71
N ASP A 39 2.57 23.68 1.74
CA ASP A 39 2.93 24.50 0.59
C ASP A 39 1.73 24.78 -0.31
N LEU A 40 0.68 23.98 -0.18
CA LEU A 40 -0.57 24.17 -0.93
C LEU A 40 -1.58 25.01 -0.18
N GLY A 41 -1.25 25.49 1.01
CA GLY A 41 -2.15 26.34 1.78
C GLY A 41 -2.83 25.68 2.95
N TRP A 42 -2.53 24.42 3.26
CA TRP A 42 -3.14 23.77 4.42
C TRP A 42 -2.49 24.23 5.72
N TYR A 43 -3.29 24.34 6.76
CA TYR A 43 -2.76 24.50 8.11
C TYR A 43 -2.38 23.13 8.64
N VAL A 44 -1.10 22.94 8.97
CA VAL A 44 -0.56 21.61 9.27
C VAL A 44 -0.08 21.58 10.72
N ALA A 45 -0.67 20.68 11.52
CA ALA A 45 -0.23 20.42 12.88
C ALA A 45 0.31 19.00 12.95
N ASP A 46 1.50 18.83 13.53
CA ASP A 46 2.15 17.54 13.53
C ASP A 46 2.20 16.95 14.95
N ASN A 47 1.75 15.70 15.07
CA ASN A 47 1.86 14.87 16.29
C ASN A 47 0.88 15.31 17.38
N LEU A 48 -0.31 15.70 16.97
CA LEU A 48 -1.36 15.98 17.94
C LEU A 48 -1.89 14.68 18.52
N PRO A 49 -2.00 14.56 19.84
CA PRO A 49 -2.67 13.39 20.41
C PRO A 49 -4.09 13.27 19.84
N PRO A 50 -4.54 12.04 19.59
CA PRO A 50 -5.90 11.88 19.03
C PRO A 50 -6.97 12.58 19.84
N GLN A 51 -6.86 12.58 21.17
CA GLN A 51 -7.88 13.20 22.01
C GLN A 51 -8.00 14.70 21.79
N LEU A 52 -6.92 15.34 21.32
CA LEU A 52 -6.92 16.78 21.13
C LEU A 52 -7.36 17.19 19.72
N ILE A 53 -7.75 16.23 18.89
CA ILE A 53 -8.23 16.54 17.55
C ILE A 53 -9.49 17.40 17.62
N THR A 54 -10.36 17.13 18.60
CA THR A 54 -11.59 17.90 18.71
C THR A 54 -11.30 19.34 19.13
N ARG A 55 -10.31 19.55 20.00
CA ARG A 55 -9.93 20.91 20.39
C ARG A 55 -9.42 21.71 19.20
N MET A 56 -8.59 21.09 18.35
CA MET A 56 -8.06 21.80 17.18
C MET A 56 -9.16 22.14 16.18
N VAL A 57 -10.09 21.20 15.95
CA VAL A 57 -11.17 21.47 15.01
C VAL A 57 -12.05 22.60 15.53
N ASP A 58 -12.38 22.59 16.82
CA ASP A 58 -13.19 23.65 17.39
C ASP A 58 -12.49 25.00 17.27
N PHE A 59 -11.19 25.03 17.52
CA PHE A 59 -10.41 26.26 17.36
C PHE A 59 -10.53 26.78 15.93
N GLY A 60 -10.37 25.89 14.94
CA GLY A 60 -10.40 26.31 13.55
C GLY A 60 -11.78 26.72 13.05
N LEU A 61 -12.83 26.37 13.77
CA LEU A 61 -14.20 26.72 13.37
C LEU A 61 -14.62 28.09 13.86
N ALA A 62 -13.91 28.65 14.84
CA ALA A 62 -14.26 29.96 15.37
C ALA A 62 -13.65 31.08 14.52
N ALA A 63 -14.45 32.11 14.27
CA ALA A 63 -13.95 33.29 13.57
C ALA A 63 -12.86 33.97 14.40
N GLY A 64 -11.94 34.64 13.71
CA GLY A 64 -10.80 35.23 14.36
C GLY A 64 -9.62 34.28 14.39
N SER A 65 -9.92 32.98 14.42
CA SER A 65 -8.94 31.91 14.35
C SER A 65 -9.39 30.86 13.35
N ARG A 66 -9.96 31.33 12.24
CA ARG A 66 -10.56 30.45 11.23
C ARG A 66 -9.50 29.62 10.52
N ILE A 67 -9.84 28.35 10.25
CA ILE A 67 -9.00 27.45 9.46
C ILE A 67 -9.94 26.63 8.58
N THR A 68 -9.81 26.76 7.26
CA THR A 68 -10.68 26.02 6.35
C THR A 68 -10.09 24.69 5.89
N GLN A 69 -8.78 24.52 5.99
CA GLN A 69 -8.14 23.28 5.53
C GLN A 69 -7.11 22.88 6.56
N LEU A 70 -7.35 21.79 7.26
CA LEU A 70 -6.53 21.37 8.40
C LEU A 70 -5.95 19.99 8.11
N ALA A 71 -4.63 19.86 8.25
CA ALA A 71 -3.96 18.58 8.09
C ALA A 71 -3.28 18.26 9.40
N VAL A 72 -3.47 17.04 9.91
CA VAL A 72 -2.86 16.62 11.16
C VAL A 72 -2.04 15.37 10.87
N VAL A 73 -0.78 15.38 11.29
CA VAL A 73 0.05 14.18 11.24
C VAL A 73 -0.13 13.42 12.55
N MET A 74 -0.55 12.15 12.45
CA MET A 74 -0.82 11.35 13.64
C MET A 74 -0.29 9.96 13.37
N ASP A 75 0.61 9.47 14.22
CA ASP A 75 1.32 8.25 13.93
C ASP A 75 1.70 7.59 15.26
N VAL A 76 2.61 6.62 15.20
CA VAL A 76 2.97 5.83 16.38
C VAL A 76 3.54 6.71 17.46
N ARG A 77 3.96 7.93 17.12
CA ARG A 77 4.52 8.85 18.11
C ARG A 77 3.44 9.53 18.95
N SER A 78 2.21 9.56 18.47
CA SER A 78 1.17 10.41 19.04
C SER A 78 0.60 9.76 20.30
N ARG A 79 0.52 10.55 21.38
CA ARG A 79 0.09 10.03 22.68
C ARG A 79 -1.32 9.50 22.60
N GLY A 80 -1.48 8.20 22.89
CA GLY A 80 -2.78 7.58 22.84
C GLY A 80 -3.14 6.94 21.53
N PHE A 81 -2.38 7.20 20.47
CA PHE A 81 -2.59 6.51 19.20
C PHE A 81 -2.19 5.04 19.35
N THR A 82 -3.17 4.16 19.17
CA THR A 82 -2.97 2.73 19.33
C THR A 82 -2.88 1.99 18.01
N GLY A 83 -3.17 2.66 16.90
CA GLY A 83 -3.33 2.02 15.60
C GLY A 83 -4.70 2.21 15.00
N ASP A 84 -5.70 2.57 15.78
CA ASP A 84 -7.03 2.78 15.23
C ASP A 84 -7.37 4.27 15.17
N LEU A 85 -8.14 4.65 14.16
CA LEU A 85 -8.69 5.98 14.05
C LEU A 85 -10.18 6.01 14.34
N ASP A 86 -10.66 5.00 15.08
CA ASP A 86 -12.10 4.88 15.30
C ASP A 86 -12.63 6.02 16.15
N SER A 87 -11.98 6.29 17.29
CA SER A 87 -12.42 7.36 18.18
C SER A 87 -12.36 8.71 17.48
N VAL A 88 -11.25 8.98 16.78
CA VAL A 88 -11.11 10.23 16.04
C VAL A 88 -12.26 10.41 15.05
N ARG A 89 -12.50 9.40 14.20
CA ARG A 89 -13.60 9.49 13.24
C ARG A 89 -14.93 9.68 13.96
N ASN A 90 -15.11 9.04 15.11
CA ASN A 90 -16.34 9.20 15.89
C ASN A 90 -16.50 10.65 16.36
N GLU A 91 -15.44 11.21 16.96
CA GLU A 91 -15.54 12.57 17.48
C GLU A 91 -15.70 13.58 16.35
N LEU A 92 -14.92 13.44 15.28
CA LEU A 92 -15.10 14.33 14.13
C LEU A 92 -16.52 14.26 13.59
N ALA A 93 -17.16 13.10 13.69
CA ALA A 93 -18.52 12.96 13.17
C ALA A 93 -19.49 13.87 13.92
N THR A 94 -19.28 14.05 15.23
CA THR A 94 -20.10 14.94 16.03
C THR A 94 -20.03 16.39 15.56
N ARG A 95 -19.10 16.72 14.65
CA ARG A 95 -19.01 18.06 14.08
C ARG A 95 -19.29 18.05 12.58
N ALA A 96 -19.87 16.95 12.08
CA ALA A 96 -20.23 16.80 10.67
C ALA A 96 -19.00 16.83 9.75
N ILE A 97 -17.89 16.28 10.23
CA ILE A 97 -16.65 16.24 9.48
C ILE A 97 -16.30 14.79 9.18
N THR A 98 -16.05 14.49 7.92
CA THR A 98 -15.44 13.21 7.55
C THR A 98 -14.00 13.46 7.13
N PRO A 99 -13.03 13.02 7.93
CA PRO A 99 -11.63 13.26 7.56
C PRO A 99 -11.22 12.36 6.41
N ARG A 100 -10.30 12.85 5.60
CA ARG A 100 -9.62 12.03 4.60
C ARG A 100 -8.31 11.56 5.20
N VAL A 101 -8.05 10.26 5.13
CA VAL A 101 -6.85 9.68 5.74
C VAL A 101 -5.87 9.35 4.63
N VAL A 102 -4.64 9.85 4.76
CA VAL A 102 -3.57 9.58 3.81
C VAL A 102 -2.57 8.71 4.53
N PHE A 103 -2.18 7.60 3.91
CA PHE A 103 -1.29 6.61 4.51
C PHE A 103 -0.01 6.51 3.69
N MET A 104 1.14 6.86 4.29
CA MET A 104 2.41 6.81 3.60
C MET A 104 3.05 5.46 3.82
N GLU A 105 3.57 4.85 2.76
CA GLU A 105 4.35 3.63 2.96
C GLU A 105 5.47 3.56 1.92
N ALA A 106 6.37 2.60 2.12
CA ALA A 106 7.49 2.37 1.22
C ALA A 106 7.97 0.95 1.46
N SER A 107 8.74 0.44 0.51
CA SER A 107 9.37 -0.87 0.67
C SER A 107 10.32 -0.89 1.87
N ASP A 108 10.52 -2.09 2.40
CA ASP A 108 11.49 -2.28 3.49
C ASP A 108 12.87 -1.74 3.11
N ASP A 109 13.33 -2.07 1.91
CA ASP A 109 14.65 -1.61 1.45
C ASP A 109 14.75 -0.09 1.47
N THR A 110 13.72 0.60 0.97
CA THR A 110 13.74 2.06 0.96
C THR A 110 13.74 2.63 2.38
N LEU A 111 12.93 2.05 3.28
CA LEU A 111 12.88 2.55 4.64
C LEU A 111 14.24 2.37 5.32
N VAL A 112 14.88 1.22 5.12
CA VAL A 112 16.16 0.98 5.77
C VAL A 112 17.21 1.96 5.25
N ARG A 113 17.24 2.17 3.94
CA ARG A 113 18.17 3.14 3.37
C ARG A 113 17.95 4.54 3.94
N ARG A 114 16.69 4.94 4.11
CA ARG A 114 16.44 6.28 4.66
C ARG A 114 16.87 6.38 6.11
N TYR A 115 16.72 5.31 6.88
CA TYR A 115 17.18 5.36 8.27
C TYR A 115 18.71 5.38 8.33
N GLU A 116 19.38 4.64 7.45
CA GLU A 116 20.84 4.69 7.41
C GLU A 116 21.31 6.08 7.00
N GLN A 117 20.68 6.65 5.98
CA GLN A 117 21.08 7.96 5.48
C GLN A 117 20.83 9.06 6.49
N ASN A 118 19.67 9.04 7.16
CA ASN A 118 19.34 10.08 8.12
C ASN A 118 19.87 9.80 9.52
N ARG A 119 20.38 8.59 9.76
CA ARG A 119 21.02 8.25 11.04
C ARG A 119 20.12 8.55 12.24
N ARG A 120 18.88 8.05 12.18
CA ARG A 120 17.97 8.16 13.31
C ARG A 120 17.48 6.76 13.65
N SER A 121 16.92 6.64 14.84
CA SER A 121 16.35 5.38 15.31
C SER A 121 14.90 5.29 14.91
N HIS A 122 14.44 4.06 14.67
CA HIS A 122 13.03 3.86 14.39
C HIS A 122 12.21 3.98 15.67
N PRO A 123 11.04 4.61 15.62
CA PRO A 123 10.25 4.80 16.86
C PRO A 123 9.88 3.51 17.59
N LEU A 124 9.80 2.37 16.90
CA LEU A 124 9.42 1.10 17.53
C LEU A 124 10.60 0.15 17.63
N GLN A 125 11.81 0.67 17.47
CA GLN A 125 13.00 -0.17 17.45
C GLN A 125 13.27 -0.75 18.83
N GLY A 126 13.20 0.08 19.87
CA GLY A 126 13.61 -0.32 21.20
C GLY A 126 15.01 -0.89 21.17
N GLU A 127 15.24 -1.92 21.99
CA GLU A 127 16.50 -2.64 21.95
C GLU A 127 16.59 -3.60 20.77
N GLN A 128 15.54 -3.71 19.96
CA GLN A 128 15.56 -4.57 18.79
C GLN A 128 16.24 -3.86 17.61
N THR A 129 16.31 -4.56 16.49
CA THR A 129 16.96 -4.02 15.30
C THR A 129 16.00 -3.11 14.53
N LEU A 130 16.56 -2.43 13.52
CA LEU A 130 15.75 -1.57 12.66
C LEU A 130 14.65 -2.37 11.98
N ALA A 131 15.01 -3.50 11.37
CA ALA A 131 14.03 -4.31 10.65
C ALA A 131 12.91 -4.78 11.58
N GLU A 132 13.23 -5.07 12.83
CA GLU A 132 12.20 -5.45 13.79
C GLU A 132 11.27 -4.28 14.08
N GLY A 133 11.80 -3.07 14.17
CA GLY A 133 10.94 -1.91 14.38
C GLY A 133 9.98 -1.69 13.23
N ILE A 134 10.50 -1.78 11.99
CA ILE A 134 9.67 -1.59 10.81
C ILE A 134 8.58 -2.63 10.74
N ALA A 135 8.93 -3.91 10.98
CA ALA A 135 7.93 -4.97 10.90
C ALA A 135 6.86 -4.78 11.97
N ALA A 136 7.26 -4.40 13.19
CA ALA A 136 6.29 -4.12 14.24
C ALA A 136 5.34 -3.00 13.84
N GLU A 137 5.85 -1.97 13.18
CA GLU A 137 4.98 -0.86 12.79
C GLU A 137 4.03 -1.28 11.69
N ARG A 138 4.51 -2.08 10.74
CA ARG A 138 3.64 -2.57 9.67
C ARG A 138 2.50 -3.41 10.24
N ARG A 139 2.79 -4.21 11.26
CA ARG A 139 1.74 -4.99 11.91
C ARG A 139 0.76 -4.09 12.66
N MET A 140 1.27 -3.09 13.38
CA MET A 140 0.39 -2.20 14.11
C MET A 140 -0.59 -1.50 13.16
N LEU A 141 -0.12 -1.11 11.98
CA LEU A 141 -0.84 -0.17 11.15
C LEU A 141 -1.60 -0.82 10.00
N ALA A 142 -1.49 -2.13 9.80
CA ALA A 142 -2.19 -2.76 8.68
C ALA A 142 -3.71 -2.53 8.74
N PRO A 143 -4.37 -2.63 9.90
CA PRO A 143 -5.82 -2.33 9.91
C PRO A 143 -6.16 -0.90 9.50
N VAL A 144 -5.49 0.10 10.07
CA VAL A 144 -5.84 1.48 9.72
C VAL A 144 -5.46 1.78 8.27
N ARG A 145 -4.41 1.14 7.76
CA ARG A 145 -4.06 1.28 6.34
C ARG A 145 -5.24 0.90 5.44
N ALA A 146 -5.98 -0.13 5.83
CA ALA A 146 -7.11 -0.56 5.01
C ALA A 146 -8.26 0.43 5.01
N THR A 147 -8.25 1.39 5.95
CA THR A 147 -9.28 2.41 5.99
C THR A 147 -8.82 3.73 5.36
N ALA A 148 -7.59 3.77 4.83
CA ALA A 148 -7.08 5.01 4.29
C ALA A 148 -7.76 5.34 2.97
N ASP A 149 -8.05 6.63 2.76
CA ASP A 149 -8.63 7.08 1.51
C ASP A 149 -7.61 7.13 0.38
N LEU A 150 -6.33 7.33 0.72
CA LEU A 150 -5.24 7.38 -0.24
C LEU A 150 -4.01 6.75 0.39
N ILE A 151 -3.38 5.82 -0.32
CA ILE A 151 -2.12 5.21 0.09
C ILE A 151 -1.06 5.69 -0.89
N ILE A 152 0.01 6.31 -0.37
CA ILE A 152 1.10 6.78 -1.20
C ILE A 152 2.33 5.95 -0.93
N ASP A 153 2.83 5.29 -1.96
CA ASP A 153 4.04 4.48 -1.89
C ASP A 153 5.21 5.33 -2.39
N THR A 154 6.15 5.61 -1.50
CA THR A 154 7.27 6.50 -1.81
C THR A 154 8.55 5.75 -2.11
N SER A 155 8.47 4.43 -2.34
CA SER A 155 9.66 3.60 -2.50
C SER A 155 10.66 4.19 -3.48
N THR A 156 10.17 4.69 -4.62
CA THR A 156 11.05 5.24 -5.65
C THR A 156 10.72 6.70 -5.95
N LEU A 157 9.96 7.39 -5.08
CA LEU A 157 9.64 8.79 -5.30
C LEU A 157 10.72 9.71 -4.73
N SER A 158 11.09 10.72 -5.51
CA SER A 158 11.87 11.82 -4.99
C SER A 158 10.95 12.79 -4.24
N VAL A 159 11.55 13.75 -3.54
CA VAL A 159 10.72 14.80 -2.93
C VAL A 159 9.91 15.52 -3.99
N GLY A 160 10.51 15.78 -5.16
CA GLY A 160 9.76 16.37 -6.26
C GLY A 160 8.63 15.47 -6.74
N GLY A 161 8.86 14.15 -6.77
CA GLY A 161 7.79 13.25 -7.16
C GLY A 161 6.62 13.28 -6.20
N LEU A 162 6.92 13.39 -4.89
CA LEU A 162 5.84 13.44 -3.90
C LEU A 162 5.06 14.75 -3.98
N ARG A 163 5.74 15.87 -4.26
CA ARG A 163 5.01 17.12 -4.46
C ARG A 163 3.98 16.96 -5.57
N ASP A 164 4.39 16.35 -6.68
CA ASP A 164 3.47 16.15 -7.80
C ASP A 164 2.32 15.24 -7.42
N SER A 165 2.62 14.16 -6.69
CA SER A 165 1.58 13.21 -6.31
C SER A 165 0.53 13.89 -5.43
N ILE A 166 0.98 14.62 -4.40
CA ILE A 166 0.04 15.26 -3.48
C ILE A 166 -0.72 16.36 -4.19
N GLU A 167 -0.04 17.12 -5.05
CA GLU A 167 -0.70 18.18 -5.80
C GLU A 167 -1.84 17.64 -6.65
N ARG A 168 -1.63 16.48 -7.28
CA ARG A 168 -2.68 15.89 -8.09
C ARG A 168 -3.86 15.44 -7.25
N ALA A 169 -3.61 15.01 -6.01
CA ALA A 169 -4.67 14.52 -5.14
C ALA A 169 -5.36 15.62 -4.34
N PHE A 170 -4.72 16.78 -4.15
CA PHE A 170 -5.25 17.82 -3.29
C PHE A 170 -5.28 19.21 -3.91
N GLY A 171 -4.58 19.44 -5.03
CA GLY A 171 -4.59 20.75 -5.66
C GLY A 171 -5.86 21.04 -6.43
N GLY B 15 2.93 21.88 36.47
CA GLY B 15 4.24 22.11 37.07
C GLY B 15 5.11 20.88 37.01
N GLY B 16 4.46 19.73 36.74
CA GLY B 16 5.17 18.47 36.60
C GLY B 16 5.38 18.07 35.15
N ILE B 17 5.94 18.99 34.35
CA ILE B 17 6.28 18.74 32.96
C ILE B 17 7.16 19.88 32.47
N ASP B 18 8.33 19.53 31.91
CA ASP B 18 9.21 20.51 31.28
C ASP B 18 8.65 20.88 29.92
N VAL B 19 8.41 22.18 29.69
CA VAL B 19 7.91 22.69 28.41
C VAL B 19 9.02 23.50 27.75
N VAL B 20 9.34 23.13 26.50
CA VAL B 20 10.27 23.86 25.66
C VAL B 20 9.47 24.39 24.48
N LEU B 21 9.65 25.66 24.17
CA LEU B 21 9.06 26.24 22.96
C LEU B 21 10.18 26.48 21.95
N VAL B 22 10.03 25.94 20.75
CA VAL B 22 11.01 26.11 19.68
C VAL B 22 10.44 27.11 18.70
N THR B 23 11.15 28.21 18.46
CA THR B 23 10.67 29.25 17.56
C THR B 23 11.87 29.79 16.79
N GLY B 24 11.66 30.84 16.02
CA GLY B 24 12.78 31.41 15.30
C GLY B 24 12.47 31.60 13.83
N LEU B 25 13.52 31.91 13.08
CA LEU B 25 13.39 32.28 11.69
C LEU B 25 13.06 31.06 10.85
N SER B 26 12.21 31.24 9.86
CA SER B 26 11.91 30.13 8.98
C SER B 26 13.12 29.78 8.13
N GLY B 27 13.49 28.49 8.11
CA GLY B 27 14.66 28.00 7.42
C GLY B 27 15.91 27.95 8.29
N ALA B 28 15.84 28.47 9.49
CA ALA B 28 16.98 28.39 10.41
C ALA B 28 17.09 27.04 11.10
N GLY B 29 16.12 26.13 10.94
CA GLY B 29 16.25 24.81 11.53
C GLY B 29 15.29 24.44 12.66
N ARG B 30 14.13 25.11 12.73
CA ARG B 30 13.17 24.79 13.77
C ARG B 30 12.81 23.31 13.76
N GLY B 31 12.48 22.78 12.58
CA GLY B 31 12.06 21.39 12.49
C GLY B 31 13.20 20.43 12.77
N THR B 32 14.39 20.73 12.28
CA THR B 32 15.54 19.90 12.59
C THR B 32 15.81 19.87 14.10
N ALA B 33 15.76 21.03 14.75
CA ALA B 33 15.95 21.09 16.19
C ALA B 33 14.85 20.32 16.91
N ALA B 34 13.61 20.42 16.44
CA ALA B 34 12.53 19.63 17.02
C ALA B 34 12.84 18.14 16.94
N LYS B 35 13.34 17.68 15.78
CA LYS B 35 13.65 16.26 15.61
C LYS B 35 14.78 15.83 16.54
N VAL B 36 15.76 16.70 16.78
CA VAL B 36 16.81 16.33 17.74
C VAL B 36 16.21 16.10 19.12
N LEU B 37 15.33 17.01 19.56
CA LEU B 37 14.67 16.84 20.84
C LEU B 37 13.88 15.54 20.89
N GLU B 38 13.23 15.20 19.78
CA GLU B 38 12.54 13.93 19.70
C GLU B 38 13.52 12.76 19.87
N ASP B 39 14.69 12.85 19.23
CA ASP B 39 15.71 11.81 19.39
C ASP B 39 16.16 11.69 20.85
N LEU B 40 16.09 12.78 21.59
CA LEU B 40 16.49 12.79 23.00
C LEU B 40 15.37 12.33 23.92
N GLY B 41 14.20 12.00 23.40
CA GLY B 41 13.10 11.53 24.22
C GLY B 41 12.01 12.54 24.50
N TRP B 42 12.04 13.72 23.90
CA TRP B 42 10.97 14.69 24.07
C TRP B 42 9.76 14.31 23.22
N TYR B 43 8.58 14.65 23.73
CA TYR B 43 7.36 14.60 22.94
C TYR B 43 7.22 15.93 22.22
N VAL B 44 7.26 15.91 20.89
CA VAL B 44 7.32 17.13 20.11
C VAL B 44 6.02 17.29 19.33
N ALA B 45 5.35 18.43 19.52
CA ALA B 45 4.19 18.82 18.73
C ALA B 45 4.53 20.07 17.93
N ASP B 46 4.24 20.06 16.63
CA ASP B 46 4.67 21.11 15.73
C ASP B 46 3.46 21.94 15.29
N ASN B 47 3.60 23.26 15.43
CA ASN B 47 2.65 24.24 14.91
C ASN B 47 1.33 24.24 15.69
N LEU B 48 1.40 24.04 16.99
CA LEU B 48 0.24 24.19 17.85
C LEU B 48 -0.12 25.67 17.98
N PRO B 49 -1.38 26.06 17.81
CA PRO B 49 -1.79 27.46 18.04
C PRO B 49 -1.54 27.85 19.49
N PRO B 50 -1.09 29.09 19.74
CA PRO B 50 -0.82 29.51 21.12
C PRO B 50 -1.98 29.27 22.06
N GLN B 51 -3.20 29.54 21.62
CA GLN B 51 -4.36 29.40 22.48
C GLN B 51 -4.58 27.98 22.95
N LEU B 52 -3.96 26.99 22.30
CA LEU B 52 -4.18 25.58 22.62
C LEU B 52 -3.08 24.97 23.48
N ILE B 53 -2.08 25.75 23.90
CA ILE B 53 -0.98 25.16 24.66
C ILE B 53 -1.44 24.70 26.03
N THR B 54 -2.36 25.42 26.66
CA THR B 54 -2.89 24.99 27.96
C THR B 54 -3.60 23.64 27.82
N ARG B 55 -4.36 23.45 26.74
CA ARG B 55 -4.97 22.15 26.48
C ARG B 55 -3.94 21.05 26.40
N MET B 56 -2.85 21.30 25.67
CA MET B 56 -1.80 20.30 25.51
C MET B 56 -1.11 20.01 26.84
N VAL B 57 -0.86 21.04 27.65
CA VAL B 57 -0.17 20.84 28.92
C VAL B 57 -1.05 20.05 29.88
N ASP B 58 -2.36 20.35 29.91
CA ASP B 58 -3.25 19.60 30.77
C ASP B 58 -3.33 18.14 30.35
N PHE B 59 -3.39 17.89 29.05
CA PHE B 59 -3.30 16.52 28.56
C PHE B 59 -2.03 15.85 29.04
N GLY B 60 -0.90 16.54 28.98
CA GLY B 60 0.36 15.94 29.39
C GLY B 60 0.43 15.63 30.87
N LEU B 61 -0.34 16.35 31.69
CA LEU B 61 -0.33 16.15 33.13
C LEU B 61 -1.32 15.09 33.60
N ALA B 62 -2.33 14.78 32.78
CA ALA B 62 -3.29 13.74 33.15
C ALA B 62 -2.63 12.37 33.11
N ALA B 63 -2.91 11.55 34.13
CA ALA B 63 -2.35 10.21 34.21
C ALA B 63 -2.88 9.35 33.07
N GLY B 64 -2.07 8.36 32.68
CA GLY B 64 -2.44 7.49 31.57
C GLY B 64 -2.02 8.04 30.22
N SER B 65 -2.08 9.36 30.07
CA SER B 65 -1.59 10.07 28.89
C SER B 65 -0.49 11.04 29.27
N ARG B 66 0.35 10.64 30.22
CA ARG B 66 1.33 11.54 30.81
C ARG B 66 2.47 11.86 29.84
N ILE B 67 2.85 13.13 29.81
CA ILE B 67 4.05 13.60 29.13
C ILE B 67 4.85 14.41 30.14
N THR B 68 6.11 14.05 30.33
CA THR B 68 6.98 14.75 31.27
C THR B 68 7.88 15.77 30.59
N GLN B 69 8.12 15.64 29.30
CA GLN B 69 8.97 16.57 28.55
C GLN B 69 8.27 16.88 27.24
N LEU B 70 7.77 18.09 27.11
CA LEU B 70 6.98 18.53 25.97
C LEU B 70 7.71 19.65 25.24
N ALA B 71 7.85 19.51 23.93
CA ALA B 71 8.40 20.57 23.09
C ALA B 71 7.35 20.94 22.07
N VAL B 72 7.09 22.23 21.91
CA VAL B 72 6.15 22.75 20.94
C VAL B 72 6.88 23.69 20.00
N VAL B 73 6.72 23.49 18.70
CA VAL B 73 7.23 24.42 17.70
C VAL B 73 6.12 25.43 17.42
N MET B 74 6.39 26.70 17.69
CA MET B 74 5.45 27.78 17.46
C MET B 74 6.17 28.88 16.72
N ASP B 75 5.59 29.35 15.62
CA ASP B 75 6.32 30.30 14.80
C ASP B 75 5.31 31.08 13.96
N VAL B 76 5.81 31.74 12.91
CA VAL B 76 4.96 32.60 12.08
C VAL B 76 3.78 31.81 11.49
N ARG B 77 3.90 30.49 11.36
CA ARG B 77 2.81 29.70 10.78
C ARG B 77 1.64 29.49 11.74
N SER B 78 1.88 29.66 13.05
CA SER B 78 0.94 29.20 14.06
C SER B 78 -0.20 30.20 14.21
N ARG B 79 -1.43 29.70 14.22
CA ARG B 79 -2.60 30.55 14.12
C ARG B 79 -2.74 31.36 15.40
N GLY B 80 -2.72 32.69 15.27
CA GLY B 80 -2.81 33.56 16.42
C GLY B 80 -1.48 33.93 17.03
N PHE B 81 -0.38 33.34 16.56
CA PHE B 81 0.94 33.79 17.00
C PHE B 81 1.24 35.11 16.33
N THR B 82 1.47 36.14 17.15
CA THR B 82 1.78 37.47 16.66
C THR B 82 3.25 37.83 16.84
N GLY B 83 3.99 37.04 17.59
CA GLY B 83 5.36 37.37 17.94
C GLY B 83 5.61 37.52 19.43
N ASP B 84 4.59 37.55 20.28
CA ASP B 84 4.82 37.64 21.72
C ASP B 84 4.29 36.40 22.41
N LEU B 85 5.10 35.88 23.35
CA LEU B 85 4.75 34.71 24.15
C LEU B 85 4.24 35.09 25.53
N ASP B 86 3.85 36.36 25.73
CA ASP B 86 3.45 36.80 27.06
C ASP B 86 2.17 36.11 27.51
N SER B 87 1.17 36.04 26.63
CA SER B 87 -0.06 35.32 26.94
C SER B 87 0.22 33.83 27.16
N VAL B 88 1.08 33.24 26.32
CA VAL B 88 1.48 31.86 26.52
C VAL B 88 2.18 31.70 27.87
N ARG B 89 3.14 32.58 28.15
CA ARG B 89 3.85 32.52 29.42
C ARG B 89 2.93 32.77 30.60
N ASN B 90 1.94 33.65 30.43
CA ASN B 90 0.99 33.91 31.51
C ASN B 90 0.18 32.65 31.86
N GLU B 91 -0.42 32.02 30.85
CA GLU B 91 -1.26 30.86 31.10
C GLU B 91 -0.45 29.68 31.64
N LEU B 92 0.78 29.50 31.13
CA LEU B 92 1.62 28.41 31.61
C LEU B 92 2.03 28.60 33.07
N ALA B 93 2.10 29.85 33.53
CA ALA B 93 2.56 30.11 34.90
C ALA B 93 1.50 29.78 35.93
N THR B 94 0.22 29.97 35.59
CA THR B 94 -0.85 29.55 36.48
C THR B 94 -0.78 28.07 36.82
N ARG B 95 -0.07 27.28 36.00
CA ARG B 95 0.15 25.87 36.26
C ARG B 95 1.56 25.58 36.76
N ALA B 96 2.25 26.61 37.25
CA ALA B 96 3.57 26.49 37.89
C ALA B 96 4.66 26.10 36.91
N ILE B 97 4.46 26.44 35.63
CA ILE B 97 5.37 26.07 34.56
C ILE B 97 6.00 27.33 33.99
N THR B 98 7.32 27.31 33.86
CA THR B 98 8.04 28.35 33.13
C THR B 98 8.69 27.70 31.90
N PRO B 99 8.22 28.00 30.68
CA PRO B 99 8.81 27.38 29.50
C PRO B 99 10.23 27.89 29.24
N ARG B 100 11.06 27.01 28.67
CA ARG B 100 12.33 27.39 28.07
C ARG B 100 12.10 27.64 26.58
N VAL B 101 12.55 28.81 26.09
CA VAL B 101 12.34 29.21 24.70
C VAL B 101 13.67 29.11 23.96
N VAL B 102 13.67 28.35 22.87
CA VAL B 102 14.84 28.18 22.01
C VAL B 102 14.52 28.92 20.72
N PHE B 103 15.44 29.77 20.28
CA PHE B 103 15.22 30.63 19.10
C PHE B 103 16.26 30.27 18.06
N MET B 104 15.81 29.81 16.88
CA MET B 104 16.70 29.41 15.81
C MET B 104 16.92 30.60 14.87
N GLU B 105 18.18 30.88 14.53
CA GLU B 105 18.39 31.92 13.51
C GLU B 105 19.60 31.55 12.67
N ALA B 106 19.76 32.27 11.58
CA ALA B 106 20.90 32.09 10.68
C ALA B 106 21.04 33.36 9.88
N SER B 107 22.20 33.53 9.23
CA SER B 107 22.42 34.71 8.43
C SER B 107 21.44 34.74 7.25
N ASP B 108 21.21 35.94 6.71
CA ASP B 108 20.36 36.07 5.52
C ASP B 108 20.87 35.19 4.39
N ASP B 109 22.19 35.14 4.23
CA ASP B 109 22.80 34.41 3.14
C ASP B 109 22.53 32.91 3.25
N THR B 110 22.66 32.35 4.46
CA THR B 110 22.37 30.94 4.67
C THR B 110 20.88 30.63 4.45
N LEU B 111 19.99 31.53 4.91
CA LEU B 111 18.56 31.29 4.75
C LEU B 111 18.20 31.30 3.28
N VAL B 112 18.70 32.29 2.53
CA VAL B 112 18.44 32.35 1.10
C VAL B 112 18.93 31.09 0.40
N ARG B 113 20.13 30.62 0.77
CA ARG B 113 20.66 29.41 0.14
C ARG B 113 19.78 28.20 0.44
N ARG B 114 19.26 28.10 1.66
CA ARG B 114 18.44 26.96 2.01
C ARG B 114 17.13 26.97 1.23
N TYR B 115 16.55 28.15 1.03
CA TYR B 115 15.33 28.26 0.25
C TYR B 115 15.58 27.98 -1.23
N GLU B 116 16.75 28.36 -1.77
CA GLU B 116 17.08 28.02 -3.14
C GLU B 116 17.29 26.51 -3.31
N GLN B 117 17.85 25.86 -2.29
CA GLN B 117 18.14 24.44 -2.36
C GLN B 117 16.88 23.59 -2.25
N ASN B 118 15.95 23.96 -1.35
CA ASN B 118 14.69 23.25 -1.15
C ASN B 118 13.62 23.66 -2.17
N ARG B 119 13.73 24.86 -2.72
CA ARG B 119 12.71 25.43 -3.59
C ARG B 119 11.34 25.52 -2.91
N ARG B 120 11.32 25.85 -1.63
CA ARG B 120 10.08 26.17 -0.95
C ARG B 120 9.90 27.69 -0.88
N SER B 121 8.64 28.07 -0.72
CA SER B 121 8.28 29.47 -0.50
C SER B 121 8.54 29.85 0.96
N HIS B 122 8.98 31.08 1.17
CA HIS B 122 9.03 31.57 2.54
C HIS B 122 7.61 31.87 3.05
N PRO B 123 7.33 31.62 4.33
CA PRO B 123 5.99 31.90 4.86
C PRO B 123 5.46 33.32 4.65
N LEU B 124 6.32 34.33 4.56
CA LEU B 124 5.87 35.71 4.38
C LEU B 124 6.09 36.24 2.96
N GLN B 125 6.50 35.38 2.04
CA GLN B 125 6.67 35.71 0.63
C GLN B 125 5.29 35.74 -0.03
N GLY B 126 5.20 36.43 -1.16
CA GLY B 126 3.94 36.47 -1.88
C GLY B 126 3.65 37.86 -2.42
N GLU B 127 3.34 38.80 -1.54
CA GLU B 127 3.30 40.20 -1.94
C GLU B 127 4.67 40.84 -1.85
N GLN B 128 5.66 40.07 -1.42
CA GLN B 128 7.02 40.53 -1.32
C GLN B 128 7.94 39.37 -1.68
N THR B 129 9.20 39.70 -1.90
CA THR B 129 10.19 38.72 -2.30
C THR B 129 10.61 37.85 -1.12
N LEU B 130 11.33 36.79 -1.44
CA LEU B 130 11.93 35.94 -0.41
C LEU B 130 12.77 36.78 0.56
N ALA B 131 13.62 37.64 0.03
CA ALA B 131 14.46 38.50 0.88
C ALA B 131 13.62 39.41 1.76
N GLU B 132 12.56 39.99 1.19
CA GLU B 132 11.69 40.87 1.97
C GLU B 132 10.91 40.08 3.03
N GLY B 133 10.53 38.83 2.72
CA GLY B 133 9.86 38.01 3.72
C GLY B 133 10.76 37.68 4.90
N ILE B 134 12.01 37.34 4.62
CA ILE B 134 12.97 37.10 5.70
C ILE B 134 13.09 38.33 6.59
N ALA B 135 13.20 39.51 5.98
CA ALA B 135 13.35 40.73 6.77
C ALA B 135 12.10 41.01 7.62
N ALA B 136 10.91 40.79 7.06
CA ALA B 136 9.69 41.00 7.82
C ALA B 136 9.58 40.02 8.99
N GLU B 137 10.06 38.80 8.81
CA GLU B 137 10.04 37.83 9.90
C GLU B 137 11.02 38.23 11.00
N ARG B 138 12.21 38.68 10.59
CA ARG B 138 13.17 39.19 11.58
C ARG B 138 12.57 40.33 12.38
N ARG B 139 11.86 41.25 11.72
CA ARG B 139 11.25 42.36 12.46
C ARG B 139 10.17 41.86 13.41
N MET B 140 9.36 40.91 12.94
CA MET B 140 8.28 40.40 13.78
C MET B 140 8.81 39.77 15.06
N LEU B 141 9.92 39.03 14.96
CA LEU B 141 10.39 38.16 16.03
C LEU B 141 11.48 38.79 16.90
N ALA B 142 11.98 39.98 16.56
CA ALA B 142 13.07 40.54 17.35
C ALA B 142 12.73 40.67 18.83
N PRO B 143 11.53 41.11 19.23
CA PRO B 143 11.26 41.17 20.68
C PRO B 143 11.23 39.80 21.34
N VAL B 144 10.62 38.78 20.74
CA VAL B 144 10.63 37.48 21.42
C VAL B 144 12.02 36.87 21.41
N ARG B 145 12.82 37.14 20.38
CA ARG B 145 14.21 36.68 20.35
C ARG B 145 14.94 37.09 21.63
N ALA B 146 14.68 38.32 22.08
CA ALA B 146 15.37 38.84 23.27
C ALA B 146 14.93 38.16 24.56
N THR B 147 13.84 37.40 24.53
CA THR B 147 13.40 36.65 25.70
C THR B 147 13.76 35.18 25.63
N ALA B 148 14.42 34.74 24.55
CA ALA B 148 14.79 33.33 24.42
C ALA B 148 15.87 32.95 25.41
N ASP B 149 15.74 31.75 25.98
CA ASP B 149 16.76 31.24 26.87
C ASP B 149 18.00 30.78 26.12
N LEU B 150 17.84 30.40 24.85
CA LEU B 150 18.94 29.90 24.03
C LEU B 150 18.68 30.38 22.62
N ILE B 151 19.65 31.07 22.04
CA ILE B 151 19.63 31.39 20.61
C ILE B 151 20.65 30.51 19.93
N ILE B 152 20.23 29.75 18.93
CA ILE B 152 21.14 28.88 18.19
C ILE B 152 21.28 29.43 16.78
N ASP B 153 22.49 29.79 16.40
CA ASP B 153 22.77 30.32 15.07
C ASP B 153 23.27 29.18 14.20
N THR B 154 22.49 28.81 13.18
CA THR B 154 22.83 27.67 12.34
C THR B 154 23.51 28.09 11.04
N SER B 155 24.04 29.31 10.96
CA SER B 155 24.59 29.81 9.69
C SER B 155 25.55 28.82 9.05
N THR B 156 26.46 28.23 9.83
CA THR B 156 27.46 27.32 9.29
C THR B 156 27.42 25.96 9.98
N LEU B 157 26.29 25.60 10.59
CA LEU B 157 26.13 24.33 11.25
C LEU B 157 25.59 23.27 10.29
N SER B 158 26.19 22.09 10.33
CA SER B 158 25.57 20.93 9.72
C SER B 158 24.45 20.42 10.63
N VAL B 159 23.67 19.47 10.10
CA VAL B 159 22.67 18.81 10.95
C VAL B 159 23.35 18.14 12.13
N GLY B 160 24.47 17.45 11.88
CA GLY B 160 25.22 16.83 12.97
C GLY B 160 25.73 17.84 13.97
N GLY B 161 26.07 19.05 13.52
CA GLY B 161 26.49 20.08 14.45
C GLY B 161 25.34 20.60 15.28
N LEU B 162 24.15 20.69 14.67
CA LEU B 162 22.95 21.04 15.43
C LEU B 162 22.61 19.95 16.44
N ARG B 163 22.79 18.68 16.06
CA ARG B 163 22.57 17.59 16.99
C ARG B 163 23.44 17.74 18.23
N ASP B 164 24.70 18.16 18.04
CA ASP B 164 25.62 18.30 19.17
C ASP B 164 25.27 19.52 20.01
N SER B 165 24.95 20.65 19.38
CA SER B 165 24.57 21.84 20.14
C SER B 165 23.37 21.55 21.03
N ILE B 166 22.34 20.93 20.47
CA ILE B 166 21.13 20.68 21.26
C ILE B 166 21.39 19.66 22.36
N GLU B 167 22.16 18.61 22.04
CA GLU B 167 22.53 17.64 23.06
C GLU B 167 23.19 18.31 24.26
N ARG B 168 24.10 19.25 23.98
CA ARG B 168 24.82 19.95 25.04
C ARG B 168 23.88 20.75 25.93
N ALA B 169 22.82 21.33 25.36
CA ALA B 169 21.90 22.13 26.15
C ALA B 169 20.80 21.32 26.81
N PHE B 170 20.53 20.10 26.33
CA PHE B 170 19.44 19.27 26.83
C PHE B 170 19.95 17.88 27.19
N GLY B 171 21.15 17.80 27.76
CA GLY B 171 21.74 16.53 28.14
C GLY B 171 21.89 16.36 29.65
N GLY C 15 -21.56 -39.49 -14.63
CA GLY C 15 -20.82 -38.26 -14.43
C GLY C 15 -19.75 -38.02 -15.48
N GLY C 16 -18.53 -38.50 -15.23
CA GLY C 16 -17.42 -38.44 -16.18
C GLY C 16 -16.27 -37.60 -15.70
N ILE C 17 -16.53 -36.60 -14.87
CA ILE C 17 -15.49 -35.68 -14.43
C ILE C 17 -15.87 -35.18 -13.05
N ASP C 18 -14.90 -35.20 -12.13
CA ASP C 18 -15.07 -34.59 -10.82
C ASP C 18 -14.73 -33.12 -10.96
N VAL C 19 -15.66 -32.24 -10.60
CA VAL C 19 -15.49 -30.78 -10.78
C VAL C 19 -15.48 -30.13 -9.41
N VAL C 20 -14.43 -29.36 -9.11
CA VAL C 20 -14.35 -28.53 -7.92
C VAL C 20 -14.39 -27.09 -8.39
N LEU C 21 -15.24 -26.27 -7.76
CA LEU C 21 -15.26 -24.84 -8.01
C LEU C 21 -14.65 -24.16 -6.80
N VAL C 22 -13.55 -23.43 -7.01
CA VAL C 22 -12.85 -22.74 -5.93
C VAL C 22 -13.27 -21.29 -6.01
N THR C 23 -13.83 -20.78 -4.92
CA THR C 23 -14.34 -19.40 -4.90
C THR C 23 -14.01 -18.82 -3.53
N GLY C 24 -14.52 -17.64 -3.25
CA GLY C 24 -14.32 -17.06 -1.93
C GLY C 24 -13.69 -15.69 -1.99
N LEU C 25 -13.22 -15.25 -0.82
CA LEU C 25 -12.73 -13.89 -0.66
C LEU C 25 -11.36 -13.70 -1.30
N SER C 26 -11.17 -12.54 -1.92
CA SER C 26 -9.87 -12.20 -2.49
C SER C 26 -8.86 -12.00 -1.36
N GLY C 27 -7.71 -12.67 -1.47
CA GLY C 27 -6.74 -12.68 -0.41
C GLY C 27 -6.90 -13.82 0.56
N ALA C 28 -8.00 -14.58 0.49
CA ALA C 28 -8.18 -15.71 1.40
C ALA C 28 -7.43 -16.97 0.95
N GLY C 29 -6.81 -16.94 -0.23
CA GLY C 29 -5.95 -18.03 -0.67
C GLY C 29 -6.54 -18.88 -1.79
N ARG C 30 -7.38 -18.29 -2.63
CA ARG C 30 -7.92 -19.04 -3.79
C ARG C 30 -6.78 -19.60 -4.64
N GLY C 31 -5.80 -18.75 -4.99
CA GLY C 31 -4.73 -19.18 -5.86
C GLY C 31 -3.84 -20.21 -5.20
N THR C 32 -3.54 -20.02 -3.91
CA THR C 32 -2.72 -21.00 -3.21
C THR C 32 -3.43 -22.34 -3.14
N ALA C 33 -4.74 -22.31 -2.86
CA ALA C 33 -5.53 -23.54 -2.84
C ALA C 33 -5.53 -24.23 -4.19
N ALA C 34 -5.67 -23.45 -5.27
CA ALA C 34 -5.59 -23.98 -6.62
C ALA C 34 -4.25 -24.65 -6.88
N LYS C 35 -3.15 -24.05 -6.40
CA LYS C 35 -1.85 -24.65 -6.60
C LYS C 35 -1.73 -25.98 -5.82
N VAL C 36 -2.30 -26.05 -4.62
CA VAL C 36 -2.32 -27.32 -3.89
C VAL C 36 -3.05 -28.38 -4.69
N LEU C 37 -4.22 -28.03 -5.23
CA LEU C 37 -4.98 -29.01 -6.03
C LEU C 37 -4.17 -29.44 -7.24
N GLU C 38 -3.46 -28.50 -7.88
CA GLU C 38 -2.57 -28.83 -8.98
C GLU C 38 -1.52 -29.86 -8.57
N ASP C 39 -0.89 -29.64 -7.41
CA ASP C 39 0.13 -30.57 -6.93
C ASP C 39 -0.46 -31.92 -6.58
N LEU C 40 -1.75 -31.99 -6.30
CA LEU C 40 -2.43 -33.26 -6.06
C LEU C 40 -2.91 -33.92 -7.34
N GLY C 41 -2.69 -33.32 -8.50
CA GLY C 41 -3.06 -33.93 -9.76
C GLY C 41 -4.31 -33.40 -10.43
N TRP C 42 -4.91 -32.33 -9.91
CA TRP C 42 -6.08 -31.74 -10.54
C TRP C 42 -5.66 -30.88 -11.72
N TYR C 43 -6.49 -30.88 -12.79
CA TYR C 43 -6.34 -29.87 -13.83
C TYR C 43 -7.01 -28.59 -13.35
N VAL C 44 -6.27 -27.48 -13.26
CA VAL C 44 -6.82 -26.27 -12.66
C VAL C 44 -6.84 -25.15 -13.69
N ALA C 45 -8.02 -24.57 -13.90
CA ALA C 45 -8.22 -23.39 -14.75
C ALA C 45 -8.63 -22.24 -13.84
N ASP C 46 -7.97 -21.08 -13.96
CA ASP C 46 -8.26 -19.94 -13.10
C ASP C 46 -8.96 -18.84 -13.87
N ASN C 47 -10.10 -18.39 -13.32
CA ASN C 47 -10.83 -17.21 -13.75
C ASN C 47 -11.59 -17.47 -15.05
N LEU C 48 -12.13 -18.66 -15.19
CA LEU C 48 -13.02 -18.98 -16.31
C LEU C 48 -14.39 -18.35 -16.07
N PRO C 49 -14.96 -17.65 -17.04
CA PRO C 49 -16.35 -17.19 -16.92
C PRO C 49 -17.29 -18.34 -16.63
N PRO C 50 -18.24 -18.18 -15.71
CA PRO C 50 -19.22 -19.24 -15.46
C PRO C 50 -19.88 -19.74 -16.73
N GLN C 51 -20.16 -18.83 -17.66
CA GLN C 51 -20.86 -19.18 -18.88
C GLN C 51 -20.08 -20.17 -19.74
N LEU C 52 -18.79 -20.35 -19.49
CA LEU C 52 -17.96 -21.25 -20.28
C LEU C 52 -17.65 -22.56 -19.56
N ILE C 53 -18.24 -22.81 -18.40
CA ILE C 53 -17.91 -24.03 -17.66
C ILE C 53 -18.33 -25.27 -18.46
N THR C 54 -19.48 -25.22 -19.15
CA THR C 54 -19.84 -26.41 -19.92
C THR C 54 -18.92 -26.63 -21.11
N ARG C 55 -18.33 -25.55 -21.65
CA ARG C 55 -17.34 -25.74 -22.71
C ARG C 55 -16.12 -26.49 -22.18
N MET C 56 -15.69 -26.17 -20.95
CA MET C 56 -14.57 -26.89 -20.36
C MET C 56 -14.94 -28.33 -20.05
N VAL C 57 -16.19 -28.58 -19.68
CA VAL C 57 -16.64 -29.94 -19.41
C VAL C 57 -16.71 -30.76 -20.71
N ASP C 58 -17.30 -30.18 -21.77
CA ASP C 58 -17.29 -30.87 -23.06
C ASP C 58 -15.87 -31.27 -23.46
N PHE C 59 -14.91 -30.36 -23.26
CA PHE C 59 -13.51 -30.61 -23.60
C PHE C 59 -12.92 -31.72 -22.73
N GLY C 60 -13.18 -31.67 -21.42
CA GLY C 60 -12.57 -32.63 -20.51
C GLY C 60 -13.16 -34.03 -20.65
N LEU C 61 -14.42 -34.12 -21.10
CA LEU C 61 -15.01 -35.44 -21.32
C LEU C 61 -14.48 -36.10 -22.59
N ALA C 62 -13.91 -35.34 -23.51
CA ALA C 62 -13.52 -35.91 -24.81
C ALA C 62 -12.33 -36.84 -24.67
N ALA C 63 -12.37 -37.97 -25.38
CA ALA C 63 -11.13 -38.72 -25.53
C ALA C 63 -10.14 -37.84 -26.25
N GLY C 64 -8.86 -38.08 -26.07
CA GLY C 64 -7.90 -37.21 -26.71
C GLY C 64 -7.63 -35.90 -25.99
N SER C 65 -8.53 -35.44 -25.12
CA SER C 65 -8.19 -34.31 -24.21
C SER C 65 -8.76 -34.56 -22.83
N ARG C 66 -8.78 -35.82 -22.42
CA ARG C 66 -9.55 -36.24 -21.25
C ARG C 66 -9.05 -35.56 -19.98
N ILE C 67 -9.97 -35.01 -19.20
CA ILE C 67 -9.69 -34.48 -17.86
C ILE C 67 -10.68 -35.13 -16.90
N THR C 68 -10.18 -35.89 -15.94
CA THR C 68 -11.12 -36.52 -15.01
C THR C 68 -11.30 -35.76 -13.71
N GLN C 69 -10.34 -34.89 -13.36
CA GLN C 69 -10.42 -34.10 -12.13
C GLN C 69 -10.15 -32.65 -12.51
N LEU C 70 -11.21 -31.83 -12.52
CA LEU C 70 -11.14 -30.45 -12.98
C LEU C 70 -11.48 -29.52 -11.84
N ALA C 71 -10.59 -28.56 -11.57
CA ALA C 71 -10.88 -27.51 -10.60
C ALA C 71 -10.89 -26.18 -11.34
N VAL C 72 -11.92 -25.37 -11.11
CA VAL C 72 -12.01 -24.06 -11.75
C VAL C 72 -12.10 -23.00 -10.66
N VAL C 73 -11.24 -21.99 -10.73
CA VAL C 73 -11.32 -20.84 -9.81
C VAL C 73 -12.25 -19.82 -10.44
N MET C 74 -13.35 -19.48 -9.75
CA MET C 74 -14.34 -18.52 -10.22
C MET C 74 -14.68 -17.60 -9.06
N ASP C 75 -14.59 -16.29 -9.27
CA ASP C 75 -14.77 -15.36 -8.16
C ASP C 75 -15.14 -13.99 -8.72
N VAL C 76 -14.91 -12.94 -7.92
CA VAL C 76 -15.34 -11.60 -8.33
C VAL C 76 -14.67 -11.17 -9.63
N ARG C 77 -13.49 -11.72 -9.94
CA ARG C 77 -12.82 -11.33 -11.18
C ARG C 77 -13.49 -11.91 -12.41
N SER C 78 -14.32 -12.95 -12.24
CA SER C 78 -14.76 -13.77 -13.34
C SER C 78 -15.95 -13.12 -14.03
N ARG C 79 -15.86 -12.96 -15.35
CA ARG C 79 -16.89 -12.22 -16.08
C ARG C 79 -18.20 -12.99 -16.00
N GLY C 80 -19.24 -12.37 -15.44
CA GLY C 80 -20.53 -13.01 -15.28
C GLY C 80 -20.76 -13.61 -13.92
N PHE C 81 -19.76 -13.64 -13.04
CA PHE C 81 -19.95 -14.17 -11.71
C PHE C 81 -20.77 -13.19 -10.88
N THR C 82 -21.84 -13.68 -10.25
CA THR C 82 -22.76 -12.82 -9.51
C THR C 82 -22.70 -13.00 -8.00
N GLY C 83 -21.89 -13.93 -7.51
CA GLY C 83 -21.89 -14.30 -6.12
C GLY C 83 -22.77 -15.48 -5.78
N ASP C 84 -23.53 -15.97 -6.76
CA ASP C 84 -24.37 -17.14 -6.61
C ASP C 84 -24.00 -18.12 -7.72
N LEU C 85 -23.84 -19.40 -7.38
CA LEU C 85 -23.42 -20.40 -8.35
C LEU C 85 -24.55 -21.33 -8.77
N ASP C 86 -25.82 -20.90 -8.62
CA ASP C 86 -26.93 -21.79 -8.94
C ASP C 86 -27.03 -22.03 -10.44
N SER C 87 -26.82 -21.00 -11.25
CA SER C 87 -26.84 -21.18 -12.69
C SER C 87 -25.84 -22.24 -13.13
N VAL C 88 -24.64 -22.20 -12.53
CA VAL C 88 -23.62 -23.20 -12.86
C VAL C 88 -24.04 -24.57 -12.35
N ARG C 89 -24.58 -24.64 -11.13
CA ARG C 89 -25.04 -25.93 -10.61
C ARG C 89 -26.08 -26.56 -11.51
N ASN C 90 -26.98 -25.74 -12.08
CA ASN C 90 -28.00 -26.26 -12.98
C ASN C 90 -27.39 -26.80 -14.28
N GLU C 91 -26.56 -25.99 -14.94
CA GLU C 91 -25.88 -26.42 -16.16
C GLU C 91 -25.16 -27.75 -15.95
N LEU C 92 -24.40 -27.88 -14.87
CA LEU C 92 -23.70 -29.13 -14.62
C LEU C 92 -24.66 -30.26 -14.32
N ALA C 93 -25.80 -29.96 -13.67
CA ALA C 93 -26.75 -31.00 -13.32
C ALA C 93 -27.28 -31.72 -14.57
N THR C 94 -27.41 -31.00 -15.68
CA THR C 94 -27.84 -31.61 -16.93
C THR C 94 -26.80 -32.52 -17.54
N ARG C 95 -25.57 -32.51 -17.04
CA ARG C 95 -24.54 -33.44 -17.46
C ARG C 95 -24.21 -34.46 -16.39
N ALA C 96 -25.11 -34.60 -15.40
CA ALA C 96 -24.94 -35.56 -14.30
C ALA C 96 -23.68 -35.27 -13.52
N ILE C 97 -23.36 -34.00 -13.35
CA ILE C 97 -22.21 -33.55 -12.57
C ILE C 97 -22.74 -32.75 -11.39
N THR C 98 -22.29 -33.11 -10.20
CA THR C 98 -22.51 -32.30 -9.02
C THR C 98 -21.18 -31.69 -8.58
N PRO C 99 -20.97 -30.39 -8.76
CA PRO C 99 -19.70 -29.79 -8.35
C PRO C 99 -19.57 -29.74 -6.85
N ARG C 100 -18.33 -29.78 -6.37
CA ARG C 100 -18.01 -29.46 -4.98
C ARG C 100 -17.53 -28.03 -4.96
N VAL C 101 -18.24 -27.15 -4.25
CA VAL C 101 -17.91 -25.73 -4.19
C VAL C 101 -17.11 -25.51 -2.92
N VAL C 102 -15.88 -25.02 -3.08
CA VAL C 102 -14.98 -24.74 -1.96
C VAL C 102 -14.92 -23.23 -1.82
N PHE C 103 -15.15 -22.72 -0.61
CA PHE C 103 -15.19 -21.28 -0.37
C PHE C 103 -14.03 -20.92 0.55
N MET C 104 -13.12 -20.08 0.06
CA MET C 104 -11.97 -19.64 0.86
C MET C 104 -12.37 -18.41 1.67
N GLU C 105 -12.19 -18.48 2.98
CA GLU C 105 -12.56 -17.36 3.82
C GLU C 105 -11.39 -17.02 4.72
N ALA C 106 -11.42 -15.79 5.24
CA ALA C 106 -10.43 -15.35 6.19
C ALA C 106 -11.00 -14.12 6.86
N SER C 107 -10.53 -13.87 8.08
CA SER C 107 -10.99 -12.73 8.84
C SER C 107 -10.52 -11.43 8.18
N ASP C 108 -11.25 -10.34 8.46
CA ASP C 108 -10.81 -9.04 7.98
C ASP C 108 -9.37 -8.75 8.41
N ASP C 109 -9.02 -9.08 9.66
CA ASP C 109 -7.66 -8.82 10.14
C ASP C 109 -6.61 -9.54 9.28
N THR C 110 -6.84 -10.80 8.94
CA THR C 110 -5.85 -11.51 8.14
C THR C 110 -5.83 -10.97 6.72
N LEU C 111 -7.00 -10.63 6.16
CA LEU C 111 -7.04 -10.12 4.79
C LEU C 111 -6.29 -8.79 4.66
N VAL C 112 -6.50 -7.86 5.60
CA VAL C 112 -5.84 -6.56 5.43
C VAL C 112 -4.33 -6.70 5.59
N ARG C 113 -3.89 -7.72 6.35
CA ARG C 113 -2.46 -7.95 6.51
C ARG C 113 -1.85 -8.56 5.26
N ARG C 114 -2.56 -9.45 4.58
CA ARG C 114 -2.02 -9.98 3.33
C ARG C 114 -1.98 -8.92 2.23
N TYR C 115 -2.95 -8.00 2.21
CA TYR C 115 -2.87 -6.92 1.23
C TYR C 115 -1.72 -5.99 1.55
N GLU C 116 -1.45 -5.77 2.83
CA GLU C 116 -0.30 -4.94 3.21
C GLU C 116 1.01 -5.61 2.82
N GLN C 117 1.10 -6.93 2.95
CA GLN C 117 2.35 -7.62 2.67
C GLN C 117 2.61 -7.72 1.17
N ASN C 118 1.56 -7.93 0.36
CA ASN C 118 1.70 -8.06 -1.09
C ASN C 118 1.64 -6.73 -1.82
N ARG C 119 1.16 -5.66 -1.17
CA ARG C 119 1.03 -4.32 -1.77
C ARG C 119 0.32 -4.38 -3.11
N ARG C 120 -0.82 -5.06 -3.13
CA ARG C 120 -1.74 -5.02 -4.27
C ARG C 120 -3.05 -4.38 -3.83
N SER C 121 -3.78 -3.85 -4.81
CA SER C 121 -5.13 -3.34 -4.57
C SER C 121 -6.11 -4.49 -4.58
N HIS C 122 -7.28 -4.27 -3.94
CA HIS C 122 -8.36 -5.23 -3.92
C HIS C 122 -9.17 -5.11 -5.22
N PRO C 123 -9.67 -6.23 -5.78
CA PRO C 123 -10.33 -6.11 -7.08
C PRO C 123 -11.63 -5.33 -7.04
N LEU C 124 -12.24 -5.12 -5.87
CA LEU C 124 -13.51 -4.41 -5.82
C LEU C 124 -13.42 -3.02 -5.24
N GLN C 125 -12.24 -2.59 -4.82
CA GLN C 125 -12.23 -1.33 -4.10
C GLN C 125 -12.35 -0.15 -5.05
N GLY C 126 -11.81 -0.29 -6.26
CA GLY C 126 -11.72 0.81 -7.19
C GLY C 126 -11.18 2.03 -6.49
N GLU C 127 -12.04 3.04 -6.35
CA GLU C 127 -11.70 4.33 -5.75
C GLU C 127 -12.00 4.38 -4.25
N GLN C 128 -12.67 3.37 -3.72
CA GLN C 128 -12.98 3.33 -2.30
C GLN C 128 -11.84 2.64 -1.56
N THR C 129 -11.98 2.50 -0.24
CA THR C 129 -10.90 1.98 0.58
C THR C 129 -10.80 0.46 0.43
N LEU C 130 -9.66 -0.07 0.87
CA LEU C 130 -9.48 -1.53 0.87
C LEU C 130 -10.53 -2.21 1.73
N ALA C 131 -10.77 -1.68 2.93
CA ALA C 131 -11.79 -2.25 3.81
C ALA C 131 -13.16 -2.21 3.16
N GLU C 132 -13.46 -1.14 2.41
CA GLU C 132 -14.73 -1.07 1.71
C GLU C 132 -14.82 -2.12 0.62
N GLY C 133 -13.72 -2.36 -0.09
CA GLY C 133 -13.72 -3.41 -1.10
C GLY C 133 -13.97 -4.79 -0.51
N ILE C 134 -13.34 -5.08 0.62
CA ILE C 134 -13.52 -6.37 1.26
C ILE C 134 -14.97 -6.55 1.71
N ALA C 135 -15.55 -5.49 2.30
CA ALA C 135 -16.96 -5.57 2.73
C ALA C 135 -17.89 -5.79 1.54
N ALA C 136 -17.64 -5.08 0.43
CA ALA C 136 -18.46 -5.25 -0.77
C ALA C 136 -18.35 -6.68 -1.28
N GLU C 137 -17.15 -7.26 -1.23
CA GLU C 137 -16.97 -8.62 -1.71
C GLU C 137 -17.68 -9.62 -0.81
N ARG C 138 -17.58 -9.45 0.51
CA ARG C 138 -18.30 -10.34 1.42
C ARG C 138 -19.79 -10.31 1.14
N ARG C 139 -20.35 -9.10 0.94
CA ARG C 139 -21.77 -8.98 0.68
C ARG C 139 -22.13 -9.70 -0.60
N MET C 140 -21.36 -9.45 -1.65
CA MET C 140 -21.62 -10.08 -2.94
C MET C 140 -21.54 -11.60 -2.85
N LEU C 141 -20.62 -12.13 -2.04
CA LEU C 141 -20.42 -13.57 -1.94
C LEU C 141 -21.33 -14.24 -0.93
N ALA C 142 -22.22 -13.51 -0.26
CA ALA C 142 -23.06 -14.11 0.75
C ALA C 142 -23.85 -15.33 0.25
N PRO C 143 -24.49 -15.30 -0.93
CA PRO C 143 -25.22 -16.51 -1.37
C PRO C 143 -24.37 -17.76 -1.46
N VAL C 144 -23.18 -17.66 -2.06
CA VAL C 144 -22.35 -18.87 -2.15
C VAL C 144 -21.65 -19.17 -0.84
N ARG C 145 -21.41 -18.16 0.01
CA ARG C 145 -20.97 -18.44 1.37
C ARG C 145 -21.97 -19.31 2.12
N ALA C 146 -23.27 -19.16 1.81
CA ALA C 146 -24.28 -19.93 2.54
C ALA C 146 -24.47 -21.33 1.96
N THR C 147 -24.10 -21.57 0.70
CA THR C 147 -24.38 -22.82 0.03
C THR C 147 -23.15 -23.65 -0.32
N ALA C 148 -21.94 -23.19 0.02
CA ALA C 148 -20.75 -23.93 -0.38
C ALA C 148 -20.70 -25.28 0.32
N ASP C 149 -20.00 -26.22 -0.29
CA ASP C 149 -19.84 -27.57 0.26
C ASP C 149 -18.74 -27.63 1.30
N LEU C 150 -17.70 -26.83 1.13
CA LEU C 150 -16.53 -26.86 2.01
C LEU C 150 -16.10 -25.43 2.23
N ILE C 151 -15.90 -25.05 3.49
CA ILE C 151 -15.36 -23.74 3.83
C ILE C 151 -13.96 -23.97 4.38
N ILE C 152 -12.99 -23.26 3.83
CA ILE C 152 -11.64 -23.32 4.33
C ILE C 152 -11.33 -21.92 4.87
N ASP C 153 -11.23 -21.81 6.20
CA ASP C 153 -10.90 -20.54 6.85
C ASP C 153 -9.39 -20.49 7.04
N THR C 154 -8.72 -19.61 6.28
CA THR C 154 -7.26 -19.53 6.29
C THR C 154 -6.74 -18.45 7.22
N SER C 155 -7.58 -17.93 8.10
CA SER C 155 -7.21 -16.81 9.00
C SER C 155 -5.88 -17.03 9.71
N THR C 156 -5.64 -18.24 10.22
CA THR C 156 -4.39 -18.53 10.91
C THR C 156 -3.64 -19.72 10.30
N LEU C 157 -3.79 -19.94 8.99
CA LEU C 157 -3.08 -21.01 8.30
C LEU C 157 -1.85 -20.47 7.57
N SER C 158 -0.75 -21.20 7.68
CA SER C 158 0.36 -20.97 6.77
C SER C 158 0.08 -21.69 5.45
N VAL C 159 0.90 -21.40 4.44
CA VAL C 159 0.79 -22.13 3.18
C VAL C 159 0.97 -23.62 3.41
N GLY C 160 1.97 -23.99 4.20
CA GLY C 160 2.13 -25.38 4.58
C GLY C 160 0.90 -25.93 5.27
N GLY C 161 0.28 -25.13 6.14
CA GLY C 161 -0.96 -25.57 6.79
C GLY C 161 -2.11 -25.73 5.82
N LEU C 162 -2.20 -24.85 4.82
CA LEU C 162 -3.24 -25.01 3.82
C LEU C 162 -3.01 -26.24 2.98
N ARG C 163 -1.76 -26.50 2.61
CA ARG C 163 -1.42 -27.75 1.92
C ARG C 163 -1.95 -28.95 2.67
N ASP C 164 -1.67 -29.02 3.97
CA ASP C 164 -2.11 -30.15 4.77
C ASP C 164 -3.63 -30.23 4.85
N SER C 165 -4.29 -29.08 5.05
CA SER C 165 -5.73 -29.08 5.19
C SER C 165 -6.42 -29.52 3.90
N ILE C 166 -5.90 -29.09 2.75
CA ILE C 166 -6.53 -29.49 1.50
C ILE C 166 -6.25 -30.97 1.20
N GLU C 167 -5.02 -31.42 1.42
CA GLU C 167 -4.73 -32.84 1.19
C GLU C 167 -5.66 -33.73 2.01
N ARG C 168 -5.96 -33.34 3.26
CA ARG C 168 -6.84 -34.16 4.10
C ARG C 168 -8.29 -34.15 3.60
N ALA C 169 -8.72 -33.09 2.91
CA ALA C 169 -10.07 -33.06 2.36
C ALA C 169 -10.15 -33.63 0.95
N PHE C 170 -9.03 -33.73 0.23
CA PHE C 170 -8.98 -34.24 -1.14
C PHE C 170 -7.99 -35.38 -1.27
N GLY C 171 -7.94 -36.27 -0.29
CA GLY C 171 -6.96 -37.35 -0.24
C GLY C 171 -6.92 -38.25 -1.46
N GLY D 15 -8.62 -7.07 -32.79
CA GLY D 15 -9.82 -7.20 -33.60
C GLY D 15 -11.08 -7.05 -32.77
N GLY D 16 -11.22 -5.88 -32.14
CA GLY D 16 -12.20 -5.67 -31.10
C GLY D 16 -11.75 -6.14 -29.74
N ILE D 17 -10.66 -6.89 -29.68
CA ILE D 17 -10.10 -7.38 -28.44
C ILE D 17 -8.60 -7.55 -28.65
N ASP D 18 -7.81 -7.06 -27.68
CA ASP D 18 -6.37 -7.28 -27.66
C ASP D 18 -6.11 -8.56 -26.86
N VAL D 19 -5.34 -9.48 -27.43
CA VAL D 19 -5.09 -10.78 -26.82
C VAL D 19 -3.59 -10.91 -26.57
N VAL D 20 -3.22 -11.23 -25.33
CA VAL D 20 -1.85 -11.51 -24.94
C VAL D 20 -1.81 -12.96 -24.48
N LEU D 21 -0.83 -13.72 -24.97
CA LEU D 21 -0.60 -15.08 -24.51
C LEU D 21 0.68 -15.07 -23.68
N VAL D 22 0.54 -15.42 -22.41
CA VAL D 22 1.67 -15.48 -21.47
C VAL D 22 2.14 -16.93 -21.41
N THR D 23 3.41 -17.18 -21.75
CA THR D 23 3.89 -18.54 -21.74
C THR D 23 5.33 -18.53 -21.24
N GLY D 24 6.00 -19.67 -21.37
CA GLY D 24 7.41 -19.74 -21.01
C GLY D 24 7.72 -20.79 -19.96
N LEU D 25 8.90 -20.66 -19.37
CA LEU D 25 9.40 -21.69 -18.47
C LEU D 25 8.65 -21.67 -17.13
N SER D 26 8.42 -22.85 -16.59
CA SER D 26 7.80 -22.97 -15.28
C SER D 26 8.77 -22.49 -14.21
N GLY D 27 8.28 -21.59 -13.35
CA GLY D 27 9.11 -20.92 -12.35
C GLY D 27 9.73 -19.62 -12.83
N ALA D 28 9.62 -19.30 -14.13
CA ALA D 28 10.16 -18.03 -14.62
C ALA D 28 9.27 -16.84 -14.33
N GLY D 29 8.06 -17.07 -13.82
CA GLY D 29 7.20 -15.98 -13.39
C GLY D 29 5.95 -15.77 -14.23
N ARG D 30 5.41 -16.84 -14.81
CA ARG D 30 4.19 -16.69 -15.61
C ARG D 30 3.05 -16.14 -14.76
N GLY D 31 2.85 -16.72 -13.57
CA GLY D 31 1.76 -16.28 -12.72
C GLY D 31 1.96 -14.88 -12.18
N THR D 32 3.19 -14.53 -11.81
CA THR D 32 3.47 -13.18 -11.36
C THR D 32 3.20 -12.17 -12.47
N ALA D 33 3.69 -12.46 -13.68
CA ALA D 33 3.40 -11.62 -14.85
C ALA D 33 1.90 -11.44 -15.06
N ALA D 34 1.15 -12.55 -14.96
CA ALA D 34 -0.29 -12.49 -15.13
C ALA D 34 -0.91 -11.56 -14.10
N LYS D 35 -0.41 -11.62 -12.86
CA LYS D 35 -0.98 -10.75 -11.82
C LYS D 35 -0.64 -9.30 -12.09
N VAL D 36 0.54 -9.01 -12.65
CA VAL D 36 0.82 -7.63 -13.02
C VAL D 36 -0.14 -7.16 -14.10
N LEU D 37 -0.45 -8.02 -15.08
CA LEU D 37 -1.40 -7.62 -16.12
C LEU D 37 -2.79 -7.36 -15.54
N GLU D 38 -3.21 -8.22 -14.61
CA GLU D 38 -4.44 -8.00 -13.85
C GLU D 38 -4.47 -6.62 -13.20
N ASP D 39 -3.38 -6.26 -12.53
CA ASP D 39 -3.29 -4.95 -11.87
C ASP D 39 -3.39 -3.80 -12.87
N LEU D 40 -3.00 -4.03 -14.12
CA LEU D 40 -3.10 -3.06 -15.21
C LEU D 40 -4.43 -3.09 -15.93
N GLY D 41 -5.40 -3.87 -15.46
CA GLY D 41 -6.72 -3.89 -16.06
C GLY D 41 -7.00 -4.98 -17.07
N TRP D 42 -6.08 -5.92 -17.27
CA TRP D 42 -6.32 -7.03 -18.18
C TRP D 42 -7.19 -8.08 -17.52
N TYR D 43 -8.10 -8.68 -18.29
CA TYR D 43 -8.79 -9.90 -17.87
C TYR D 43 -7.85 -11.07 -18.08
N VAL D 44 -7.53 -11.80 -17.02
CA VAL D 44 -6.50 -12.84 -17.10
C VAL D 44 -7.12 -14.19 -16.79
N ALA D 45 -7.03 -15.11 -17.75
CA ALA D 45 -7.48 -16.49 -17.60
C ALA D 45 -6.27 -17.41 -17.63
N ASP D 46 -6.12 -18.27 -16.62
CA ASP D 46 -4.91 -19.08 -16.48
C ASP D 46 -5.19 -20.54 -16.79
N ASN D 47 -4.36 -21.12 -17.67
CA ASN D 47 -4.34 -22.55 -18.00
C ASN D 47 -5.53 -22.96 -18.86
N LEU D 48 -5.94 -22.06 -19.72
CA LEU D 48 -6.98 -22.43 -20.69
C LEU D 48 -6.38 -23.34 -21.76
N PRO D 49 -7.04 -24.45 -22.11
CA PRO D 49 -6.53 -25.26 -23.22
C PRO D 49 -6.48 -24.45 -24.50
N PRO D 50 -5.41 -24.58 -25.29
CA PRO D 50 -5.30 -23.78 -26.51
C PRO D 50 -6.48 -23.92 -27.42
N GLN D 51 -7.09 -25.11 -27.47
CA GLN D 51 -8.21 -25.29 -28.38
C GLN D 51 -9.46 -24.57 -27.94
N LEU D 52 -9.52 -24.04 -26.71
CA LEU D 52 -10.68 -23.29 -26.25
C LEU D 52 -10.49 -21.78 -26.37
N ILE D 53 -9.42 -21.33 -27.04
CA ILE D 53 -9.12 -19.90 -27.12
C ILE D 53 -10.22 -19.16 -27.88
N THR D 54 -10.72 -19.74 -28.96
CA THR D 54 -11.76 -19.05 -29.74
C THR D 54 -13.05 -18.93 -28.96
N ARG D 55 -13.35 -19.90 -28.10
CA ARG D 55 -14.51 -19.84 -27.23
C ARG D 55 -14.40 -18.66 -26.26
N MET D 56 -13.20 -18.47 -25.68
CA MET D 56 -12.98 -17.34 -24.79
C MET D 56 -13.03 -16.01 -25.53
N VAL D 57 -12.44 -15.96 -26.72
CA VAL D 57 -12.45 -14.72 -27.50
C VAL D 57 -13.85 -14.38 -27.95
N ASP D 58 -14.60 -15.38 -28.45
CA ASP D 58 -15.99 -15.12 -28.84
C ASP D 58 -16.80 -14.61 -27.65
N PHE D 59 -16.57 -15.19 -26.48
CA PHE D 59 -17.24 -14.71 -25.27
C PHE D 59 -16.87 -13.25 -24.99
N GLY D 60 -15.58 -12.90 -25.06
CA GLY D 60 -15.14 -11.55 -24.80
C GLY D 60 -15.62 -10.54 -25.83
N LEU D 61 -15.88 -10.98 -27.06
CA LEU D 61 -16.37 -10.08 -28.10
C LEU D 61 -17.86 -9.81 -27.97
N ALA D 62 -18.58 -10.60 -27.17
CA ALA D 62 -20.03 -10.45 -27.08
C ALA D 62 -20.40 -9.25 -26.24
N ALA D 63 -21.41 -8.51 -26.69
CA ALA D 63 -21.95 -7.45 -25.85
C ALA D 63 -22.48 -8.05 -24.57
N GLY D 64 -22.32 -7.33 -23.47
CA GLY D 64 -22.80 -7.80 -22.20
C GLY D 64 -21.83 -8.69 -21.45
N SER D 65 -20.86 -9.30 -22.13
CA SER D 65 -19.75 -10.00 -21.46
C SER D 65 -18.43 -9.50 -22.01
N ARG D 66 -18.38 -8.19 -22.29
CA ARG D 66 -17.32 -7.61 -23.09
C ARG D 66 -15.98 -7.62 -22.37
N ILE D 67 -14.94 -8.00 -23.11
CA ILE D 67 -13.56 -7.97 -22.64
C ILE D 67 -12.74 -7.31 -23.73
N THR D 68 -12.09 -6.20 -23.41
CA THR D 68 -11.30 -5.55 -24.44
C THR D 68 -9.82 -5.92 -24.40
N GLN D 69 -9.33 -6.37 -23.24
CA GLN D 69 -7.92 -6.73 -23.07
C GLN D 69 -7.89 -8.07 -22.37
N LEU D 70 -7.56 -9.13 -23.10
CA LEU D 70 -7.56 -10.50 -22.59
C LEU D 70 -6.13 -11.03 -22.54
N ALA D 71 -5.75 -11.61 -21.41
CA ALA D 71 -4.47 -12.29 -21.28
C ALA D 71 -4.75 -13.72 -20.87
N VAL D 72 -4.16 -14.67 -21.57
CA VAL D 72 -4.35 -16.09 -21.27
C VAL D 72 -2.98 -16.69 -20.99
N VAL D 73 -2.85 -17.38 -19.88
CA VAL D 73 -1.62 -18.11 -19.58
C VAL D 73 -1.76 -19.51 -20.13
N MET D 74 -0.82 -19.91 -21.01
CA MET D 74 -0.84 -21.22 -21.69
C MET D 74 0.57 -21.75 -21.64
N ASP D 75 0.74 -22.96 -21.13
CA ASP D 75 2.07 -23.50 -20.90
C ASP D 75 1.98 -25.02 -20.87
N VAL D 76 3.05 -25.65 -20.38
CA VAL D 76 3.15 -27.10 -20.36
C VAL D 76 1.97 -27.75 -19.63
N ARG D 77 1.36 -27.03 -18.67
CA ARG D 77 0.21 -27.58 -17.95
C ARG D 77 -1.06 -27.65 -18.78
N SER D 78 -1.14 -26.89 -19.87
CA SER D 78 -2.41 -26.67 -20.55
C SER D 78 -2.69 -27.84 -21.50
N ARG D 79 -3.90 -28.38 -21.42
CA ARG D 79 -4.25 -29.57 -22.20
C ARG D 79 -4.13 -29.28 -23.68
N GLY D 80 -3.25 -30.01 -24.36
CA GLY D 80 -3.09 -29.85 -25.80
C GLY D 80 -1.99 -28.89 -26.20
N PHE D 81 -1.31 -28.28 -25.23
CA PHE D 81 -0.21 -27.37 -25.53
C PHE D 81 1.01 -28.18 -25.94
N THR D 82 1.59 -27.86 -27.09
CA THR D 82 2.69 -28.63 -27.65
C THR D 82 4.03 -27.93 -27.57
N GLY D 83 4.07 -26.68 -27.16
CA GLY D 83 5.23 -25.85 -27.28
C GLY D 83 5.23 -24.99 -28.52
N ASP D 84 4.17 -25.06 -29.31
CA ASP D 84 3.98 -24.30 -30.53
C ASP D 84 2.60 -23.68 -30.51
N LEU D 85 2.51 -22.39 -30.83
CA LEU D 85 1.24 -21.68 -30.81
C LEU D 85 0.73 -21.35 -32.20
N ASP D 86 1.24 -22.02 -33.23
CA ASP D 86 0.85 -21.69 -34.59
C ASP D 86 -0.64 -21.95 -34.82
N SER D 87 -1.15 -23.09 -34.35
CA SER D 87 -2.59 -23.35 -34.47
C SER D 87 -3.40 -22.28 -33.76
N VAL D 88 -2.96 -21.84 -32.58
CA VAL D 88 -3.68 -20.78 -31.86
C VAL D 88 -3.62 -19.49 -32.65
N ARG D 89 -2.47 -19.16 -33.25
CA ARG D 89 -2.40 -17.97 -34.09
C ARG D 89 -3.36 -18.09 -35.27
N ASN D 90 -3.46 -19.27 -35.88
CA ASN D 90 -4.34 -19.45 -37.03
C ASN D 90 -5.79 -19.23 -36.67
N GLU D 91 -6.24 -19.80 -35.55
CA GLU D 91 -7.65 -19.66 -35.14
C GLU D 91 -7.97 -18.22 -34.78
N LEU D 92 -7.04 -17.51 -34.12
CA LEU D 92 -7.28 -16.11 -33.81
C LEU D 92 -7.35 -15.27 -35.08
N ALA D 93 -6.63 -15.66 -36.13
CA ALA D 93 -6.66 -14.91 -37.37
C ALA D 93 -8.02 -14.99 -38.05
N THR D 94 -8.77 -16.07 -37.82
CA THR D 94 -10.11 -16.15 -38.40
C THR D 94 -11.02 -15.10 -37.80
N ARG D 95 -10.80 -14.72 -36.54
CA ARG D 95 -11.49 -13.59 -35.95
C ARG D 95 -10.71 -12.29 -36.11
N ALA D 96 -9.73 -12.28 -37.01
CA ALA D 96 -8.96 -11.07 -37.32
C ALA D 96 -8.22 -10.53 -36.10
N ILE D 97 -7.69 -11.43 -35.28
CA ILE D 97 -6.88 -11.07 -34.12
C ILE D 97 -5.47 -11.59 -34.33
N THR D 98 -4.49 -10.77 -33.98
CA THR D 98 -3.08 -11.17 -33.92
C THR D 98 -2.61 -11.08 -32.47
N PRO D 99 -2.39 -12.21 -31.80
CA PRO D 99 -2.00 -12.14 -30.38
C PRO D 99 -0.59 -11.61 -30.24
N ARG D 100 -0.30 -11.11 -29.05
CA ARG D 100 1.06 -10.83 -28.64
C ARG D 100 1.46 -11.92 -27.66
N VAL D 101 2.58 -12.60 -27.95
CA VAL D 101 3.05 -13.70 -27.12
C VAL D 101 4.18 -13.18 -26.24
N VAL D 102 4.05 -13.36 -24.92
CA VAL D 102 5.07 -12.96 -23.96
C VAL D 102 5.66 -14.25 -23.38
N PHE D 103 6.97 -14.42 -23.52
CA PHE D 103 7.64 -15.65 -23.09
C PHE D 103 8.48 -15.35 -21.86
N MET D 104 8.14 -15.97 -20.73
CA MET D 104 8.89 -15.77 -19.48
C MET D 104 10.06 -16.76 -19.43
N GLU D 105 11.25 -16.26 -19.13
CA GLU D 105 12.34 -17.20 -18.94
C GLU D 105 13.26 -16.71 -17.84
N ALA D 106 14.21 -17.57 -17.49
CA ALA D 106 15.10 -17.33 -16.37
C ALA D 106 16.21 -18.37 -16.48
N SER D 107 17.35 -18.05 -15.89
CA SER D 107 18.47 -18.97 -15.92
C SER D 107 18.16 -20.21 -15.09
N ASP D 108 18.87 -21.30 -15.42
CA ASP D 108 18.73 -22.53 -14.65
C ASP D 108 18.99 -22.28 -13.18
N ASP D 109 19.99 -21.45 -12.87
CA ASP D 109 20.31 -21.19 -11.48
C ASP D 109 19.15 -20.52 -10.76
N THR D 110 18.51 -19.54 -11.40
CA THR D 110 17.40 -18.87 -10.74
C THR D 110 16.22 -19.82 -10.60
N LEU D 111 15.94 -20.62 -11.64
CA LEU D 111 14.82 -21.56 -11.54
C LEU D 111 14.99 -22.54 -10.39
N VAL D 112 16.18 -23.18 -10.28
CA VAL D 112 16.31 -24.21 -9.26
C VAL D 112 16.22 -23.61 -7.86
N ARG D 113 16.55 -22.34 -7.73
CA ARG D 113 16.42 -21.67 -6.43
C ARG D 113 14.97 -21.34 -6.13
N ARG D 114 14.19 -21.00 -7.15
CA ARG D 114 12.77 -20.76 -6.93
C ARG D 114 12.04 -22.05 -6.56
N TYR D 115 12.41 -23.18 -7.17
CA TYR D 115 11.79 -24.45 -6.78
C TYR D 115 12.20 -24.84 -5.37
N GLU D 116 13.42 -24.53 -4.96
CA GLU D 116 13.84 -24.83 -3.60
C GLU D 116 13.06 -24.00 -2.60
N GLN D 117 12.82 -22.72 -2.92
CA GLN D 117 12.13 -21.83 -1.98
C GLN D 117 10.65 -22.19 -1.85
N ASN D 118 10.00 -22.59 -2.97
CA ASN D 118 8.59 -22.90 -2.95
C ASN D 118 8.29 -24.37 -2.65
N ARG D 119 9.28 -25.24 -2.73
CA ARG D 119 9.14 -26.65 -2.40
C ARG D 119 7.97 -27.26 -3.17
N ARG D 120 7.95 -27.02 -4.48
CA ARG D 120 7.01 -27.69 -5.39
C ARG D 120 7.79 -28.48 -6.42
N SER D 121 7.14 -29.48 -7.00
CA SER D 121 7.76 -30.23 -8.09
C SER D 121 7.57 -29.50 -9.42
N HIS D 122 8.46 -29.82 -10.36
CA HIS D 122 8.35 -29.27 -11.72
C HIS D 122 7.29 -30.02 -12.49
N PRO D 123 6.47 -29.34 -13.31
CA PRO D 123 5.36 -30.07 -13.96
C PRO D 123 5.82 -31.18 -14.91
N LEU D 124 7.05 -31.08 -15.44
CA LEU D 124 7.54 -32.00 -16.44
C LEU D 124 8.61 -32.96 -15.93
N GLN D 125 8.95 -32.92 -14.64
CA GLN D 125 10.06 -33.78 -14.27
C GLN D 125 9.64 -35.23 -14.13
N GLY D 126 8.37 -35.48 -13.83
CA GLY D 126 7.90 -36.85 -13.69
C GLY D 126 8.72 -37.60 -12.65
N GLU D 127 9.28 -38.73 -13.06
CA GLU D 127 10.19 -39.48 -12.21
C GLU D 127 11.63 -38.97 -12.28
N GLN D 128 11.90 -38.00 -13.16
CA GLN D 128 13.24 -37.52 -13.42
C GLN D 128 13.58 -36.42 -12.41
N THR D 129 14.81 -35.92 -12.50
CA THR D 129 15.25 -34.87 -11.60
C THR D 129 14.61 -33.55 -11.98
N LEU D 130 14.62 -32.61 -11.03
CA LEU D 130 14.16 -31.25 -11.31
C LEU D 130 14.89 -30.66 -12.50
N ALA D 131 16.23 -30.77 -12.51
CA ALA D 131 17.02 -30.25 -13.63
C ALA D 131 16.60 -30.90 -14.95
N GLU D 132 16.30 -32.19 -14.92
CA GLU D 132 15.90 -32.83 -16.18
C GLU D 132 14.55 -32.32 -16.67
N GLY D 133 13.63 -32.05 -15.74
CA GLY D 133 12.37 -31.44 -16.11
C GLY D 133 12.54 -30.05 -16.71
N ILE D 134 13.41 -29.23 -16.12
CA ILE D 134 13.69 -27.91 -16.66
C ILE D 134 14.26 -28.04 -18.07
N ALA D 135 15.22 -28.95 -18.26
CA ALA D 135 15.84 -29.11 -19.57
C ALA D 135 14.82 -29.60 -20.60
N ALA D 136 13.94 -30.51 -20.19
CA ALA D 136 12.92 -31.01 -21.10
C ALA D 136 11.96 -29.90 -21.51
N GLU D 137 11.62 -29.03 -20.56
CA GLU D 137 10.71 -27.93 -20.88
C GLU D 137 11.35 -26.95 -21.87
N ARG D 138 12.64 -26.65 -21.68
CA ARG D 138 13.34 -25.79 -22.62
C ARG D 138 13.31 -26.34 -24.04
N ARG D 139 13.53 -27.64 -24.18
CA ARG D 139 13.47 -28.26 -25.51
C ARG D 139 12.07 -28.14 -26.09
N MET D 140 11.05 -28.40 -25.26
CA MET D 140 9.67 -28.37 -25.73
C MET D 140 9.25 -26.98 -26.17
N LEU D 141 9.74 -25.95 -25.49
CA LEU D 141 9.32 -24.57 -25.69
C LEU D 141 10.14 -23.84 -26.76
N ALA D 142 11.11 -24.51 -27.38
CA ALA D 142 11.96 -23.80 -28.33
C ALA D 142 11.18 -23.14 -29.47
N PRO D 143 10.12 -23.74 -30.03
CA PRO D 143 9.40 -23.05 -31.12
C PRO D 143 8.68 -21.79 -30.66
N VAL D 144 8.02 -21.83 -29.49
CA VAL D 144 7.30 -20.63 -29.08
C VAL D 144 8.26 -19.56 -28.60
N ARG D 145 9.41 -19.95 -28.04
CA ARG D 145 10.38 -18.91 -27.69
C ARG D 145 10.85 -18.19 -28.94
N ALA D 146 10.96 -18.92 -30.04
CA ALA D 146 11.47 -18.34 -31.28
C ALA D 146 10.45 -17.43 -31.96
N THR D 147 9.16 -17.60 -31.67
CA THR D 147 8.11 -16.80 -32.30
C THR D 147 7.47 -15.82 -31.33
N ALA D 148 7.96 -15.74 -30.10
CA ALA D 148 7.43 -14.81 -29.12
C ALA D 148 7.70 -13.36 -29.52
N ASP D 149 6.78 -12.48 -29.13
CA ASP D 149 6.91 -11.06 -29.42
C ASP D 149 7.72 -10.33 -28.36
N LEU D 150 7.75 -10.87 -27.15
CA LEU D 150 8.49 -10.27 -26.06
C LEU D 150 8.99 -11.41 -25.20
N ILE D 151 10.29 -11.39 -24.90
CA ILE D 151 10.88 -12.32 -23.95
C ILE D 151 11.31 -11.52 -22.73
N ILE D 152 10.82 -11.93 -21.57
CA ILE D 152 11.18 -11.29 -20.30
C ILE D 152 12.06 -12.26 -19.53
N ASP D 153 13.31 -11.87 -19.29
CA ASP D 153 14.26 -12.68 -18.55
C ASP D 153 14.20 -12.23 -17.09
N THR D 154 13.67 -13.10 -16.21
CA THR D 154 13.50 -12.73 -14.82
C THR D 154 14.64 -13.23 -13.92
N SER D 155 15.79 -13.59 -14.51
CA SER D 155 16.87 -14.22 -13.73
C SER D 155 17.25 -13.40 -12.48
N THR D 156 17.31 -12.08 -12.61
CA THR D 156 17.75 -11.24 -11.51
C THR D 156 16.69 -10.20 -11.14
N LEU D 157 15.43 -10.46 -11.48
CA LEU D 157 14.34 -9.53 -11.28
C LEU D 157 13.61 -9.85 -9.98
N SER D 158 13.46 -8.84 -9.13
CA SER D 158 12.48 -8.93 -8.04
C SER D 158 11.07 -8.79 -8.62
N VAL D 159 10.08 -9.07 -7.78
CA VAL D 159 8.68 -8.86 -8.19
C VAL D 159 8.45 -7.40 -8.55
N GLY D 160 9.06 -6.47 -7.80
CA GLY D 160 8.95 -5.08 -8.17
C GLY D 160 9.58 -4.75 -9.50
N GLY D 161 10.68 -5.44 -9.85
CA GLY D 161 11.29 -5.22 -11.14
C GLY D 161 10.44 -5.77 -12.28
N LEU D 162 9.79 -6.91 -12.06
CA LEU D 162 8.88 -7.45 -13.06
C LEU D 162 7.68 -6.52 -13.28
N ARG D 163 7.10 -6.01 -12.19
CA ARG D 163 6.04 -4.99 -12.31
C ARG D 163 6.48 -3.86 -13.23
N ASP D 164 7.70 -3.35 -13.01
CA ASP D 164 8.20 -2.25 -13.83
C ASP D 164 8.34 -2.66 -15.29
N SER D 165 8.96 -3.80 -15.56
CA SER D 165 9.20 -4.22 -16.94
C SER D 165 7.89 -4.40 -17.70
N ILE D 166 6.89 -4.99 -17.03
CA ILE D 166 5.62 -5.25 -17.71
C ILE D 166 4.87 -3.94 -17.94
N GLU D 167 4.88 -3.04 -16.96
CA GLU D 167 4.23 -1.75 -17.15
C GLU D 167 4.86 -0.99 -18.30
N ARG D 168 6.19 -1.01 -18.40
CA ARG D 168 6.87 -0.33 -19.50
C ARG D 168 6.47 -0.91 -20.86
N ALA D 169 6.09 -2.18 -20.90
CA ALA D 169 5.69 -2.81 -22.15
C ALA D 169 4.19 -2.82 -22.39
N PHE D 170 3.39 -2.55 -21.35
CA PHE D 170 1.93 -2.64 -21.45
C PHE D 170 1.18 -1.48 -20.81
N GLY D 171 1.88 -0.49 -20.25
CA GLY D 171 1.22 0.61 -19.56
C GLY D 171 0.30 1.46 -20.42
#